data_2N5Q
#
_entry.id   2N5Q
#
_entity_poly.entity_id   1
_entity_poly.type   'polypeptide(L)'
_entity_poly.pdbx_seq_one_letter_code
;QLCLQCRSNSDCNIIWRICRDGCCNVI
;
_entity_poly.pdbx_strand_id   A
#
# COMPACT_ATOMS: atom_id res chain seq x y z
N GLN A 1 -8.47 -6.21 -4.88
CA GLN A 1 -8.27 -4.75 -5.10
C GLN A 1 -8.59 -3.96 -3.84
N LEU A 2 -7.64 -3.91 -2.92
CA LEU A 2 -7.81 -3.19 -1.68
C LEU A 2 -7.00 -1.90 -1.68
N CYS A 3 -7.51 -0.88 -2.37
CA CYS A 3 -6.83 0.40 -2.45
C CYS A 3 -6.70 1.03 -1.07
N LEU A 4 -5.65 0.65 -0.34
CA LEU A 4 -5.41 1.18 0.99
C LEU A 4 -4.54 2.43 0.94
N GLN A 5 -5.17 3.59 1.16
CA GLN A 5 -4.46 4.87 1.13
C GLN A 5 -3.05 4.74 1.70
N CYS A 6 -2.05 4.84 0.83
CA CYS A 6 -0.66 4.72 1.24
C CYS A 6 -0.02 6.10 1.38
N ARG A 7 1.24 6.13 1.82
CA ARG A 7 1.93 7.39 2.00
C ARG A 7 3.32 7.35 1.35
N SER A 8 4.22 6.59 1.96
CA SER A 8 5.59 6.47 1.45
C SER A 8 5.74 5.26 0.55
N ASN A 9 5.98 4.10 1.14
CA ASN A 9 6.15 2.87 0.36
C ASN A 9 5.33 1.72 0.96
N SER A 10 5.37 1.60 2.28
CA SER A 10 4.64 0.55 2.98
C SER A 10 3.97 1.10 4.22
N ASP A 11 3.32 2.25 4.08
CA ASP A 11 2.63 2.89 5.20
C ASP A 11 1.29 2.22 5.45
N CYS A 12 1.31 0.90 5.65
CA CYS A 12 0.09 0.15 5.91
C CYS A 12 0.35 -1.01 6.88
N ASN A 13 0.86 -2.11 6.35
CA ASN A 13 1.16 -3.28 7.17
C ASN A 13 2.13 -4.22 6.46
N ILE A 14 2.37 -5.39 7.05
CA ILE A 14 3.28 -6.37 6.48
C ILE A 14 2.73 -6.96 5.19
N ILE A 15 1.42 -6.85 4.99
CA ILE A 15 0.78 -7.36 3.78
C ILE A 15 1.00 -6.44 2.61
N TRP A 16 0.49 -5.22 2.75
CA TRP A 16 0.59 -4.22 1.69
C TRP A 16 1.75 -3.27 1.94
N ARG A 17 2.82 -3.46 1.16
CA ARG A 17 4.01 -2.63 1.29
C ARG A 17 4.35 -1.95 -0.03
N ILE A 18 3.44 -2.00 -1.00
CA ILE A 18 3.66 -1.39 -2.29
C ILE A 18 2.75 -0.18 -2.47
N CYS A 19 3.18 0.96 -1.96
CA CYS A 19 2.40 2.18 -2.05
C CYS A 19 2.21 2.59 -3.51
N ARG A 20 1.27 1.95 -4.19
CA ARG A 20 0.98 2.25 -5.57
C ARG A 20 0.11 3.50 -5.66
N ASP A 21 -0.66 3.64 -6.74
CA ASP A 21 -1.54 4.79 -6.95
C ASP A 21 -2.19 5.27 -5.65
N GLY A 22 -1.38 5.88 -4.78
CA GLY A 22 -1.88 6.38 -3.52
C GLY A 22 -2.51 5.30 -2.66
N CYS A 23 -2.16 4.04 -2.95
CA CYS A 23 -2.71 2.93 -2.18
C CYS A 23 -1.65 1.87 -1.87
N CYS A 24 -1.93 1.02 -0.89
CA CYS A 24 -1.00 -0.03 -0.50
C CYS A 24 -1.31 -1.32 -1.24
N ASN A 25 -0.29 -1.89 -1.88
CA ASN A 25 -0.47 -3.12 -2.63
C ASN A 25 0.38 -4.24 -2.06
N VAL A 26 -0.09 -5.47 -2.24
CA VAL A 26 0.62 -6.65 -1.75
C VAL A 26 1.59 -7.20 -2.80
N ILE A 27 1.59 -6.60 -3.98
CA ILE A 27 2.47 -7.05 -5.05
C ILE A 27 3.86 -6.45 -4.93
N GLN A 1 -9.58 -5.77 -5.53
CA GLN A 1 -8.39 -5.34 -4.74
C GLN A 1 -8.80 -4.52 -3.52
N LEU A 2 -7.82 -3.91 -2.87
CA LEU A 2 -8.08 -3.10 -1.69
C LEU A 2 -7.19 -1.85 -1.68
N CYS A 3 -7.63 -0.81 -2.37
CA CYS A 3 -6.86 0.43 -2.44
C CYS A 3 -6.69 1.04 -1.05
N LEU A 4 -5.66 0.60 -0.36
CA LEU A 4 -5.37 1.10 0.99
C LEU A 4 -4.52 2.37 0.94
N GLN A 5 -5.16 3.51 1.14
CA GLN A 5 -4.46 4.80 1.10
C GLN A 5 -3.06 4.69 1.70
N CYS A 6 -2.04 4.82 0.84
CA CYS A 6 -0.66 4.71 1.26
C CYS A 6 -0.04 6.09 1.41
N ARG A 7 1.23 6.13 1.79
CA ARG A 7 1.92 7.40 1.97
C ARG A 7 3.31 7.38 1.33
N SER A 8 4.21 6.61 1.93
CA SER A 8 5.57 6.51 1.43
C SER A 8 5.74 5.29 0.52
N ASN A 9 6.00 4.13 1.12
CA ASN A 9 6.19 2.90 0.35
C ASN A 9 5.36 1.77 0.94
N SER A 10 5.41 1.63 2.26
CA SER A 10 4.67 0.58 2.94
C SER A 10 3.99 1.14 4.20
N ASP A 11 3.33 2.28 4.04
CA ASP A 11 2.63 2.91 5.16
C ASP A 11 1.30 2.23 5.42
N CYS A 12 1.35 0.91 5.64
CA CYS A 12 0.14 0.13 5.91
C CYS A 12 0.41 -1.00 6.89
N ASN A 13 0.84 -2.15 6.38
CA ASN A 13 1.12 -3.30 7.23
C ASN A 13 2.13 -4.23 6.56
N ILE A 14 2.27 -5.43 7.09
CA ILE A 14 3.19 -6.42 6.54
C ILE A 14 2.66 -7.01 5.25
N ILE A 15 1.37 -6.83 4.99
CA ILE A 15 0.75 -7.34 3.77
C ILE A 15 1.02 -6.42 2.60
N TRP A 16 0.46 -5.21 2.69
CA TRP A 16 0.60 -4.22 1.63
C TRP A 16 1.74 -3.26 1.92
N ARG A 17 2.83 -3.42 1.18
CA ARG A 17 4.00 -2.57 1.34
C ARG A 17 4.37 -1.90 0.02
N ILE A 18 3.48 -1.97 -0.96
CA ILE A 18 3.73 -1.35 -2.26
C ILE A 18 2.82 -0.16 -2.46
N CYS A 19 3.23 0.99 -1.92
CA CYS A 19 2.45 2.21 -2.03
C CYS A 19 2.28 2.63 -3.48
N ARG A 20 1.35 1.98 -4.17
CA ARG A 20 1.08 2.29 -5.57
C ARG A 20 0.19 3.53 -5.65
N ASP A 21 -0.57 3.66 -6.74
CA ASP A 21 -1.46 4.81 -6.94
C ASP A 21 -2.13 5.26 -5.64
N GLY A 22 -1.33 5.88 -4.76
CA GLY A 22 -1.85 6.36 -3.50
C GLY A 22 -2.48 5.27 -2.66
N CYS A 23 -2.12 4.02 -2.94
CA CYS A 23 -2.67 2.89 -2.19
C CYS A 23 -1.59 1.85 -1.89
N CYS A 24 -1.88 0.99 -0.90
CA CYS A 24 -0.94 -0.05 -0.51
C CYS A 24 -1.23 -1.34 -1.28
N ASN A 25 -0.20 -1.88 -1.92
CA ASN A 25 -0.36 -3.11 -2.68
C ASN A 25 0.48 -4.23 -2.09
N VAL A 26 0.02 -5.47 -2.27
CA VAL A 26 0.73 -6.63 -1.76
C VAL A 26 1.72 -7.18 -2.80
N ILE A 27 1.71 -6.58 -3.99
CA ILE A 27 2.61 -7.03 -5.06
C ILE A 27 3.94 -6.27 -5.01
N GLN A 1 -10.20 -5.26 -4.79
CA GLN A 1 -9.97 -3.79 -4.69
C GLN A 1 -9.48 -3.42 -3.29
N LEU A 2 -8.19 -3.62 -3.04
CA LEU A 2 -7.60 -3.30 -1.75
C LEU A 2 -6.75 -2.04 -1.83
N CYS A 3 -7.34 -0.97 -2.36
CA CYS A 3 -6.64 0.30 -2.50
C CYS A 3 -6.42 0.95 -1.13
N LEU A 4 -5.58 0.31 -0.32
CA LEU A 4 -5.28 0.81 1.02
C LEU A 4 -4.45 2.09 0.94
N GLN A 5 -5.13 3.23 0.92
CA GLN A 5 -4.46 4.53 0.84
C GLN A 5 -3.09 4.51 1.51
N CYS A 6 -2.06 4.83 0.73
CA CYS A 6 -0.69 4.83 1.23
C CYS A 6 -0.16 6.25 1.37
N ARG A 7 1.06 6.38 1.86
CA ARG A 7 1.67 7.70 2.05
C ARG A 7 3.12 7.72 1.55
N SER A 8 3.87 6.68 1.89
CA SER A 8 5.27 6.59 1.48
C SER A 8 5.52 5.37 0.60
N ASN A 9 5.79 4.23 1.24
CA ASN A 9 6.06 2.99 0.51
C ASN A 9 5.33 1.81 1.14
N SER A 10 5.38 1.73 2.46
CA SER A 10 4.73 0.65 3.19
C SER A 10 3.95 1.20 4.37
N ASP A 11 3.25 2.30 4.14
CA ASP A 11 2.45 2.93 5.18
C ASP A 11 1.14 2.17 5.41
N CYS A 12 1.26 0.87 5.68
CA CYS A 12 0.10 0.03 5.92
C CYS A 12 0.43 -1.14 6.84
N ASN A 13 0.87 -2.26 6.26
CA ASN A 13 1.22 -3.43 7.05
C ASN A 13 2.13 -4.37 6.26
N ILE A 14 2.57 -5.44 6.92
CA ILE A 14 3.44 -6.43 6.29
C ILE A 14 2.82 -7.01 5.02
N ILE A 15 1.50 -6.90 4.89
CA ILE A 15 0.81 -7.41 3.71
C ILE A 15 1.01 -6.48 2.53
N TRP A 16 0.56 -5.26 2.69
CA TRP A 16 0.67 -4.26 1.65
C TRP A 16 1.84 -3.31 1.89
N ARG A 17 2.90 -3.50 1.11
CA ARG A 17 4.11 -2.71 1.25
C ARG A 17 4.45 -1.97 -0.06
N ILE A 18 3.55 -2.03 -1.04
CA ILE A 18 3.79 -1.35 -2.31
C ILE A 18 2.85 -0.18 -2.47
N CYS A 19 3.27 0.99 -1.99
CA CYS A 19 2.46 2.19 -2.09
C CYS A 19 2.30 2.60 -3.55
N ARG A 20 1.38 1.93 -4.23
CA ARG A 20 1.12 2.22 -5.64
C ARG A 20 0.21 3.45 -5.74
N ASP A 21 -0.56 3.54 -6.83
CA ASP A 21 -1.47 4.68 -7.05
C ASP A 21 -2.11 5.17 -5.75
N GLY A 22 -1.31 5.80 -4.91
CA GLY A 22 -1.81 6.32 -3.65
C GLY A 22 -2.43 5.24 -2.78
N CYS A 23 -2.05 3.99 -3.01
CA CYS A 23 -2.59 2.88 -2.23
C CYS A 23 -1.52 1.85 -1.92
N CYS A 24 -1.79 1.01 -0.92
CA CYS A 24 -0.84 -0.04 -0.52
C CYS A 24 -1.12 -1.33 -1.30
N ASN A 25 -0.07 -1.93 -1.83
CA ASN A 25 -0.23 -3.17 -2.59
C ASN A 25 0.54 -4.32 -1.95
N VAL A 26 0.07 -5.53 -2.20
CA VAL A 26 0.72 -6.73 -1.65
C VAL A 26 1.78 -7.27 -2.60
N ILE A 27 1.94 -6.64 -3.76
CA ILE A 27 2.91 -7.09 -4.73
C ILE A 27 4.31 -6.55 -4.42
N GLN A 1 -9.13 -6.00 -5.36
CA GLN A 1 -8.00 -5.53 -4.52
C GLN A 1 -8.47 -4.52 -3.47
N LEU A 2 -7.53 -3.96 -2.73
CA LEU A 2 -7.85 -2.98 -1.70
C LEU A 2 -6.95 -1.76 -1.82
N CYS A 3 -7.49 -0.66 -2.31
CA CYS A 3 -6.73 0.57 -2.47
C CYS A 3 -6.48 1.23 -1.11
N LEU A 4 -5.71 0.56 -0.27
CA LEU A 4 -5.39 1.07 1.06
C LEU A 4 -4.54 2.33 0.96
N GLN A 5 -5.16 3.49 1.17
CA GLN A 5 -4.46 4.77 1.11
C GLN A 5 -3.05 4.66 1.68
N CYS A 6 -2.05 4.82 0.83
CA CYS A 6 -0.66 4.72 1.25
C CYS A 6 -0.03 6.10 1.39
N ARG A 7 1.20 6.15 1.84
CA ARG A 7 1.90 7.42 2.01
C ARG A 7 3.28 7.38 1.37
N SER A 8 4.20 6.63 1.98
CA SER A 8 5.56 6.54 1.47
C SER A 8 5.72 5.33 0.54
N ASN A 9 5.98 4.16 1.12
CA ASN A 9 6.16 2.94 0.34
C ASN A 9 5.34 1.80 0.91
N SER A 10 5.39 1.64 2.24
CA SER A 10 4.67 0.58 2.91
C SER A 10 4.00 1.12 4.18
N ASP A 11 3.36 2.27 4.06
CA ASP A 11 2.69 2.89 5.20
C ASP A 11 1.34 2.22 5.46
N CYS A 12 1.36 0.90 5.64
CA CYS A 12 0.15 0.15 5.89
C CYS A 12 0.40 -0.98 6.89
N ASN A 13 0.80 -2.15 6.39
CA ASN A 13 1.08 -3.31 7.25
C ASN A 13 2.08 -4.25 6.59
N ILE A 14 2.21 -5.45 7.15
CA ILE A 14 3.13 -6.45 6.62
C ILE A 14 2.61 -7.04 5.31
N ILE A 15 1.33 -6.80 5.02
CA ILE A 15 0.72 -7.32 3.80
C ILE A 15 0.99 -6.40 2.63
N TRP A 16 0.41 -5.21 2.70
CA TRP A 16 0.54 -4.22 1.65
C TRP A 16 1.68 -3.25 1.92
N ARG A 17 2.77 -3.41 1.18
CA ARG A 17 3.94 -2.56 1.33
C ARG A 17 4.31 -1.89 0.00
N ILE A 18 3.42 -1.98 -0.99
CA ILE A 18 3.67 -1.38 -2.29
C ILE A 18 2.76 -0.17 -2.48
N CYS A 19 3.20 0.97 -1.94
CA CYS A 19 2.43 2.20 -2.06
C CYS A 19 2.25 2.61 -3.50
N ARG A 20 1.31 1.97 -4.19
CA ARG A 20 1.03 2.28 -5.58
C ARG A 20 0.16 3.52 -5.66
N ASP A 21 -0.61 3.67 -6.74
CA ASP A 21 -1.48 4.83 -6.94
C ASP A 21 -2.15 5.28 -5.63
N GLY A 22 -1.34 5.90 -4.76
CA GLY A 22 -1.85 6.38 -3.49
C GLY A 22 -2.48 5.28 -2.65
N CYS A 23 -2.13 4.03 -2.93
CA CYS A 23 -2.68 2.90 -2.19
C CYS A 23 -1.61 1.87 -1.90
N CYS A 24 -1.89 0.99 -0.93
CA CYS A 24 -0.96 -0.06 -0.54
C CYS A 24 -1.26 -1.35 -1.31
N ASN A 25 -0.25 -1.87 -1.98
CA ASN A 25 -0.43 -3.10 -2.75
C ASN A 25 0.44 -4.22 -2.20
N VAL A 26 -0.06 -5.45 -2.32
CA VAL A 26 0.67 -6.62 -1.83
C VAL A 26 1.57 -7.21 -2.91
N ILE A 27 1.58 -6.59 -4.08
CA ILE A 27 2.40 -7.07 -5.19
C ILE A 27 3.79 -6.43 -5.17
N GLN A 1 -8.21 -7.09 -3.66
CA GLN A 1 -8.13 -5.71 -4.22
C GLN A 1 -8.59 -4.68 -3.19
N LEU A 2 -7.64 -4.03 -2.54
CA LEU A 2 -7.94 -3.02 -1.54
C LEU A 2 -7.02 -1.81 -1.69
N CYS A 3 -7.55 -0.74 -2.28
CA CYS A 3 -6.79 0.48 -2.48
C CYS A 3 -6.53 1.19 -1.16
N LEU A 4 -5.75 0.56 -0.29
CA LEU A 4 -5.42 1.12 1.02
C LEU A 4 -4.57 2.37 0.87
N GLN A 5 -5.15 3.53 1.13
CA GLN A 5 -4.43 4.80 1.03
C GLN A 5 -3.02 4.69 1.60
N CYS A 6 -2.02 4.85 0.74
CA CYS A 6 -0.63 4.76 1.18
C CYS A 6 -0.03 6.15 1.33
N ARG A 7 1.18 6.21 1.88
CA ARG A 7 1.84 7.49 2.08
C ARG A 7 3.25 7.49 1.50
N SER A 8 4.13 6.72 2.11
CA SER A 8 5.53 6.64 1.66
C SER A 8 5.72 5.46 0.71
N ASN A 9 5.96 4.28 1.28
CA ASN A 9 6.17 3.08 0.47
C ASN A 9 5.36 1.91 1.02
N SER A 10 5.44 1.70 2.33
CA SER A 10 4.72 0.61 2.98
C SER A 10 4.00 1.12 4.22
N ASP A 11 3.36 2.27 4.09
CA ASP A 11 2.63 2.86 5.21
C ASP A 11 1.30 2.14 5.42
N CYS A 12 1.36 0.83 5.59
CA CYS A 12 0.15 0.03 5.79
C CYS A 12 0.44 -1.17 6.70
N ASN A 13 0.78 -2.32 6.11
CA ASN A 13 1.07 -3.52 6.89
C ASN A 13 1.95 -4.48 6.10
N ILE A 14 2.25 -5.64 6.68
CA ILE A 14 3.08 -6.63 6.01
C ILE A 14 2.45 -7.07 4.70
N ILE A 15 1.12 -6.98 4.63
CA ILE A 15 0.40 -7.34 3.42
C ILE A 15 0.71 -6.36 2.30
N TRP A 16 0.23 -5.14 2.48
CA TRP A 16 0.42 -4.10 1.48
C TRP A 16 1.54 -3.15 1.84
N ARG A 17 2.66 -3.29 1.14
CA ARG A 17 3.83 -2.46 1.38
C ARG A 17 4.28 -1.77 0.08
N ILE A 18 3.48 -1.90 -0.97
CA ILE A 18 3.80 -1.28 -2.25
C ILE A 18 2.91 -0.08 -2.48
N CYS A 19 3.29 1.06 -1.92
CA CYS A 19 2.52 2.28 -2.04
C CYS A 19 2.37 2.69 -3.50
N ARG A 20 1.42 2.06 -4.18
CA ARG A 20 1.15 2.37 -5.58
C ARG A 20 0.29 3.62 -5.67
N ASP A 21 -0.44 3.78 -6.78
CA ASP A 21 -1.30 4.96 -6.99
C ASP A 21 -2.00 5.41 -5.71
N GLY A 22 -1.24 6.01 -4.81
CA GLY A 22 -1.78 6.49 -3.56
C GLY A 22 -2.42 5.40 -2.73
N CYS A 23 -2.07 4.15 -3.02
CA CYS A 23 -2.62 3.02 -2.28
C CYS A 23 -1.55 2.00 -1.95
N CYS A 24 -1.87 1.08 -1.04
CA CYS A 24 -0.94 0.04 -0.64
C CYS A 24 -1.22 -1.26 -1.40
N ASN A 25 -0.19 -1.79 -2.06
CA ASN A 25 -0.34 -3.03 -2.82
C ASN A 25 0.49 -4.15 -2.20
N VAL A 26 -0.11 -5.33 -2.10
CA VAL A 26 0.57 -6.48 -1.52
C VAL A 26 1.29 -7.30 -2.59
N ILE A 27 1.62 -6.66 -3.70
CA ILE A 27 2.30 -7.34 -4.80
C ILE A 27 3.83 -7.23 -4.64
N GLN A 1 -9.23 -6.72 -4.41
CA GLN A 1 -8.59 -5.38 -4.58
C GLN A 1 -8.98 -4.45 -3.44
N LEU A 2 -7.99 -3.98 -2.69
CA LEU A 2 -8.23 -3.08 -1.56
C LEU A 2 -7.28 -1.89 -1.62
N CYS A 3 -7.72 -0.82 -2.29
CA CYS A 3 -6.90 0.38 -2.40
C CYS A 3 -6.67 1.02 -1.04
N LEU A 4 -5.70 0.50 -0.31
CA LEU A 4 -5.37 1.02 1.01
C LEU A 4 -4.49 2.27 0.91
N GLN A 5 -5.11 3.44 1.07
CA GLN A 5 -4.38 4.71 0.99
C GLN A 5 -2.97 4.59 1.56
N CYS A 6 -1.97 4.80 0.72
CA CYS A 6 -0.59 4.71 1.13
C CYS A 6 0.02 6.09 1.32
N ARG A 7 1.15 6.15 1.99
CA ARG A 7 1.82 7.43 2.24
C ARG A 7 3.22 7.46 1.62
N SER A 8 4.14 6.74 2.26
CA SER A 8 5.52 6.69 1.79
C SER A 8 5.73 5.54 0.80
N ASN A 9 5.95 4.33 1.33
CA ASN A 9 6.16 3.16 0.49
C ASN A 9 5.35 1.98 1.00
N SER A 10 5.41 1.74 2.30
CA SER A 10 4.69 0.64 2.92
C SER A 10 4.01 1.10 4.20
N ASP A 11 3.39 2.27 4.16
CA ASP A 11 2.70 2.83 5.31
C ASP A 11 1.34 2.15 5.50
N CYS A 12 1.35 0.83 5.60
CA CYS A 12 0.12 0.07 5.78
C CYS A 12 0.35 -1.15 6.68
N ASN A 13 0.81 -2.24 6.10
CA ASN A 13 1.06 -3.47 6.86
C ASN A 13 1.92 -4.44 6.05
N ILE A 14 2.41 -5.49 6.71
CA ILE A 14 3.25 -6.48 6.05
C ILE A 14 2.64 -6.92 4.73
N ILE A 15 1.32 -6.94 4.69
CA ILE A 15 0.59 -7.31 3.49
C ILE A 15 0.88 -6.31 2.37
N TRP A 16 0.37 -5.11 2.53
CA TRP A 16 0.54 -4.06 1.55
C TRP A 16 1.69 -3.13 1.88
N ARG A 17 2.77 -3.25 1.10
CA ARG A 17 3.96 -2.44 1.30
C ARG A 17 4.36 -1.74 0.00
N ILE A 18 3.55 -1.90 -1.05
CA ILE A 18 3.84 -1.27 -2.33
C ILE A 18 2.94 -0.07 -2.53
N CYS A 19 3.34 1.08 -1.99
CA CYS A 19 2.55 2.30 -2.10
C CYS A 19 2.38 2.70 -3.56
N ARG A 20 1.45 2.05 -4.24
CA ARG A 20 1.16 2.37 -5.63
C ARG A 20 0.30 3.62 -5.71
N ASP A 21 -0.44 3.78 -6.82
CA ASP A 21 -1.31 4.95 -7.01
C ASP A 21 -2.01 5.38 -5.72
N GLY A 22 -1.23 5.99 -4.82
CA GLY A 22 -1.78 6.45 -3.56
C GLY A 22 -2.41 5.35 -2.74
N CYS A 23 -2.04 4.10 -3.03
CA CYS A 23 -2.60 2.96 -2.30
C CYS A 23 -1.52 1.94 -1.97
N CYS A 24 -1.82 1.05 -1.03
CA CYS A 24 -0.88 0.02 -0.61
C CYS A 24 -1.17 -1.29 -1.34
N ASN A 25 -0.16 -1.82 -2.03
CA ASN A 25 -0.33 -3.07 -2.76
C ASN A 25 0.52 -4.19 -2.15
N VAL A 26 -0.09 -5.37 -2.00
CA VAL A 26 0.60 -6.52 -1.42
C VAL A 26 1.27 -7.35 -2.51
N ILE A 27 1.78 -6.69 -3.54
CA ILE A 27 2.44 -7.37 -4.64
C ILE A 27 3.94 -7.51 -4.38
N GLN A 1 -11.27 -5.41 -4.33
CA GLN A 1 -10.36 -4.23 -4.38
C GLN A 1 -9.85 -3.88 -2.99
N LEU A 2 -8.55 -3.63 -2.90
CA LEU A 2 -7.92 -3.27 -1.63
C LEU A 2 -7.02 -2.06 -1.79
N CYS A 3 -7.53 -1.00 -2.40
CA CYS A 3 -6.76 0.21 -2.61
C CYS A 3 -6.54 0.95 -1.29
N LEU A 4 -5.78 0.32 -0.40
CA LEU A 4 -5.48 0.91 0.90
C LEU A 4 -4.63 2.16 0.75
N GLN A 5 -5.24 3.32 0.98
CA GLN A 5 -4.52 4.60 0.86
C GLN A 5 -3.13 4.51 1.49
N CYS A 6 -2.11 4.70 0.66
CA CYS A 6 -0.73 4.62 1.14
C CYS A 6 -0.16 6.02 1.31
N ARG A 7 1.09 6.10 1.80
CA ARG A 7 1.73 7.39 2.00
C ARG A 7 3.14 7.40 1.42
N SER A 8 4.04 6.67 2.07
CA SER A 8 5.43 6.61 1.62
C SER A 8 5.67 5.40 0.71
N ASN A 9 5.93 4.24 1.32
CA ASN A 9 6.19 3.03 0.56
C ASN A 9 5.42 1.85 1.14
N SER A 10 5.45 1.72 2.45
CA SER A 10 4.76 0.64 3.13
C SER A 10 3.98 1.16 4.33
N ASP A 11 3.30 2.29 4.14
CA ASP A 11 2.52 2.90 5.20
C ASP A 11 1.18 2.18 5.39
N CYS A 12 1.26 0.86 5.60
CA CYS A 12 0.06 0.06 5.78
C CYS A 12 0.32 -1.11 6.74
N ASN A 13 0.89 -2.19 6.20
CA ASN A 13 1.19 -3.37 7.01
C ASN A 13 2.20 -4.28 6.30
N ILE A 14 2.41 -5.46 6.87
CA ILE A 14 3.36 -6.42 6.30
C ILE A 14 2.85 -6.99 4.99
N ILE A 15 1.53 -6.93 4.78
CA ILE A 15 0.93 -7.45 3.56
C ILE A 15 1.12 -6.48 2.40
N TRP A 16 0.60 -5.28 2.58
CA TRP A 16 0.69 -4.25 1.56
C TRP A 16 1.80 -3.25 1.88
N ARG A 17 2.92 -3.42 1.19
CA ARG A 17 4.09 -2.55 1.39
C ARG A 17 4.48 -1.87 0.09
N ILE A 18 3.62 -1.94 -0.92
CA ILE A 18 3.90 -1.31 -2.20
C ILE A 18 2.98 -0.14 -2.42
N CYS A 19 3.36 1.01 -1.88
CA CYS A 19 2.55 2.22 -2.01
C CYS A 19 2.40 2.63 -3.46
N ARG A 20 1.47 1.98 -4.16
CA ARG A 20 1.22 2.28 -5.56
C ARG A 20 0.35 3.53 -5.67
N ASP A 21 -0.36 3.68 -6.79
CA ASP A 21 -1.22 4.84 -7.03
C ASP A 21 -1.96 5.29 -5.76
N GLY A 22 -1.21 5.90 -4.84
CA GLY A 22 -1.79 6.37 -3.61
C GLY A 22 -2.44 5.27 -2.79
N CYS A 23 -2.06 4.02 -3.07
CA CYS A 23 -2.63 2.88 -2.35
C CYS A 23 -1.54 1.88 -1.98
N CYS A 24 -1.89 0.95 -1.10
CA CYS A 24 -0.95 -0.08 -0.65
C CYS A 24 -1.18 -1.38 -1.43
N ASN A 25 -0.12 -1.90 -2.01
CA ASN A 25 -0.22 -3.14 -2.77
C ASN A 25 0.64 -4.24 -2.14
N VAL A 26 0.19 -5.47 -2.29
CA VAL A 26 0.90 -6.62 -1.72
C VAL A 26 2.08 -7.04 -2.60
N ILE A 27 2.17 -6.44 -3.78
CA ILE A 27 3.24 -6.73 -4.72
C ILE A 27 4.60 -6.83 -4.02
N GLN A 1 -8.74 -6.93 -4.22
CA GLN A 1 -8.07 -5.61 -4.41
C GLN A 1 -8.54 -4.61 -3.36
N LEU A 2 -7.59 -4.05 -2.62
CA LEU A 2 -7.91 -3.07 -1.59
C LEU A 2 -7.00 -1.85 -1.71
N CYS A 3 -7.54 -0.76 -2.26
CA CYS A 3 -6.79 0.47 -2.43
C CYS A 3 -6.52 1.14 -1.08
N LEU A 4 -5.73 0.48 -0.24
CA LEU A 4 -5.39 1.00 1.08
C LEU A 4 -4.49 2.23 0.96
N GLN A 5 -5.10 3.41 1.02
CA GLN A 5 -4.36 4.67 0.93
C GLN A 5 -2.95 4.56 1.53
N CYS A 6 -1.94 4.86 0.71
CA CYS A 6 -0.56 4.79 1.16
C CYS A 6 0.03 6.19 1.30
N ARG A 7 1.24 6.26 1.86
CA ARG A 7 1.91 7.55 2.06
C ARG A 7 3.33 7.51 1.52
N SER A 8 4.17 6.70 2.14
CA SER A 8 5.56 6.57 1.74
C SER A 8 5.76 5.39 0.80
N ASN A 9 5.90 4.20 1.38
CA ASN A 9 6.10 2.99 0.59
C ASN A 9 5.28 1.83 1.17
N SER A 10 5.37 1.65 2.47
CA SER A 10 4.64 0.58 3.15
C SER A 10 3.88 1.12 4.36
N ASP A 11 3.25 2.27 4.18
CA ASP A 11 2.49 2.89 5.25
C ASP A 11 1.15 2.17 5.45
N CYS A 12 1.22 0.86 5.66
CA CYS A 12 0.02 0.05 5.85
C CYS A 12 0.32 -1.17 6.71
N ASN A 13 0.83 -2.23 6.10
CA ASN A 13 1.16 -3.45 6.81
C ASN A 13 2.03 -4.37 5.97
N ILE A 14 2.54 -5.44 6.57
CA ILE A 14 3.37 -6.40 5.86
C ILE A 14 2.71 -6.82 4.56
N ILE A 15 1.39 -6.92 4.59
CA ILE A 15 0.61 -7.29 3.42
C ILE A 15 0.84 -6.30 2.30
N TRP A 16 0.32 -5.09 2.49
CA TRP A 16 0.43 -4.05 1.51
C TRP A 16 1.58 -3.09 1.81
N ARG A 17 2.71 -3.32 1.13
CA ARG A 17 3.89 -2.49 1.31
C ARG A 17 4.29 -1.82 0.00
N ILE A 18 3.45 -1.96 -1.03
CA ILE A 18 3.73 -1.35 -2.32
C ILE A 18 2.85 -0.12 -2.52
N CYS A 19 3.30 1.01 -1.97
CA CYS A 19 2.53 2.24 -2.08
C CYS A 19 2.34 2.64 -3.55
N ARG A 20 1.38 2.01 -4.20
CA ARG A 20 1.08 2.31 -5.60
C ARG A 20 0.25 3.59 -5.68
N ASP A 21 -0.50 3.74 -6.78
CA ASP A 21 -1.33 4.93 -6.99
C ASP A 21 -2.01 5.42 -5.70
N GLY A 22 -1.21 6.02 -4.82
CA GLY A 22 -1.73 6.52 -3.57
C GLY A 22 -2.38 5.44 -2.72
N CYS A 23 -2.03 4.19 -2.99
CA CYS A 23 -2.61 3.08 -2.24
C CYS A 23 -1.55 2.04 -1.91
N CYS A 24 -1.89 1.13 -0.99
CA CYS A 24 -0.96 0.07 -0.58
C CYS A 24 -1.28 -1.22 -1.32
N ASN A 25 -0.28 -1.78 -1.99
CA ASN A 25 -0.47 -3.02 -2.74
C ASN A 25 0.39 -4.16 -2.16
N VAL A 26 -0.23 -5.33 -2.01
CA VAL A 26 0.47 -6.50 -1.47
C VAL A 26 1.10 -7.32 -2.58
N ILE A 27 1.60 -6.64 -3.61
CA ILE A 27 2.23 -7.31 -4.74
C ILE A 27 3.73 -7.48 -4.51
N GLN A 1 -9.76 -5.67 -4.81
CA GLN A 1 -10.01 -4.23 -4.50
C GLN A 1 -9.53 -3.88 -3.10
N LEU A 2 -8.23 -3.58 -2.99
CA LEU A 2 -7.64 -3.22 -1.70
C LEU A 2 -6.80 -1.96 -1.83
N CYS A 3 -7.38 -0.91 -2.42
CA CYS A 3 -6.67 0.35 -2.61
C CYS A 3 -6.50 1.06 -1.27
N LEU A 4 -5.70 0.47 -0.39
CA LEU A 4 -5.43 1.04 0.92
C LEU A 4 -4.60 2.31 0.82
N GLN A 5 -5.22 3.46 1.07
CA GLN A 5 -4.53 4.74 1.00
C GLN A 5 -3.12 4.63 1.59
N CYS A 6 -2.11 4.77 0.73
CA CYS A 6 -0.72 4.69 1.17
C CYS A 6 -0.11 6.07 1.30
N ARG A 7 1.11 6.13 1.83
CA ARG A 7 1.78 7.40 2.01
C ARG A 7 3.19 7.38 1.42
N SER A 8 4.09 6.65 2.06
CA SER A 8 5.46 6.55 1.60
C SER A 8 5.66 5.33 0.70
N ASN A 9 5.89 4.17 1.30
CA ASN A 9 6.11 2.94 0.55
C ASN A 9 5.35 1.77 1.18
N SER A 10 5.43 1.67 2.49
CA SER A 10 4.77 0.59 3.21
C SER A 10 3.99 1.14 4.40
N ASP A 11 3.35 2.28 4.20
CA ASP A 11 2.57 2.91 5.25
C ASP A 11 1.23 2.21 5.45
N CYS A 12 1.28 0.90 5.67
CA CYS A 12 0.08 0.11 5.86
C CYS A 12 0.32 -1.04 6.83
N ASN A 13 0.88 -2.14 6.32
CA ASN A 13 1.15 -3.31 7.14
C ASN A 13 2.18 -4.22 6.46
N ILE A 14 2.39 -5.39 7.04
CA ILE A 14 3.34 -6.36 6.49
C ILE A 14 2.83 -6.96 5.19
N ILE A 15 1.53 -6.87 4.96
CA ILE A 15 0.92 -7.40 3.73
C ILE A 15 1.14 -6.46 2.57
N TRP A 16 0.59 -5.26 2.70
CA TRP A 16 0.69 -4.25 1.65
C TRP A 16 1.83 -3.27 1.92
N ARG A 17 2.92 -3.44 1.17
CA ARG A 17 4.09 -2.58 1.33
C ARG A 17 4.45 -1.90 0.01
N ILE A 18 3.55 -1.97 -0.98
CA ILE A 18 3.79 -1.35 -2.27
C ILE A 18 2.86 -0.17 -2.47
N CYS A 19 3.25 0.98 -1.95
CA CYS A 19 2.46 2.19 -2.06
C CYS A 19 2.29 2.59 -3.52
N ARG A 20 1.38 1.93 -4.21
CA ARG A 20 1.11 2.23 -5.60
C ARG A 20 0.22 3.46 -5.71
N ASP A 21 -0.52 3.60 -6.81
CA ASP A 21 -1.41 4.73 -7.03
C ASP A 21 -2.11 5.19 -5.75
N GLY A 22 -1.33 5.83 -4.87
CA GLY A 22 -1.87 6.31 -3.61
C GLY A 22 -2.50 5.21 -2.77
N CYS A 23 -2.13 3.96 -3.04
CA CYS A 23 -2.67 2.83 -2.29
C CYS A 23 -1.59 1.81 -1.97
N CYS A 24 -1.89 0.94 -1.00
CA CYS A 24 -0.95 -0.10 -0.58
C CYS A 24 -1.20 -1.39 -1.33
N ASN A 25 -0.16 -1.93 -1.95
CA ASN A 25 -0.29 -3.16 -2.71
C ASN A 25 0.58 -4.28 -2.12
N VAL A 26 0.13 -5.51 -2.31
CA VAL A 26 0.86 -6.68 -1.80
C VAL A 26 1.86 -7.20 -2.83
N ILE A 27 1.88 -6.60 -4.01
CA ILE A 27 2.78 -7.03 -5.08
C ILE A 27 4.17 -6.41 -4.91
N GLN A 1 -10.83 -4.23 -5.42
CA GLN A 1 -9.50 -4.39 -4.78
C GLN A 1 -9.42 -3.58 -3.48
N LEU A 2 -8.35 -3.81 -2.72
CA LEU A 2 -8.15 -3.10 -1.46
C LEU A 2 -7.17 -1.95 -1.63
N CYS A 3 -7.65 -0.83 -2.16
CA CYS A 3 -6.81 0.34 -2.37
C CYS A 3 -6.45 1.00 -1.03
N LEU A 4 -5.68 0.28 -0.23
CA LEU A 4 -5.26 0.78 1.08
C LEU A 4 -4.46 2.08 0.93
N GLN A 5 -5.09 3.21 1.24
CA GLN A 5 -4.43 4.51 1.14
C GLN A 5 -3.01 4.43 1.69
N CYS A 6 -2.03 4.63 0.81
CA CYS A 6 -0.63 4.58 1.21
C CYS A 6 -0.04 5.98 1.30
N ARG A 7 1.09 6.10 1.99
CA ARG A 7 1.75 7.39 2.14
C ARG A 7 3.13 7.40 1.48
N SER A 8 4.08 6.73 2.11
CA SER A 8 5.44 6.66 1.59
C SER A 8 5.63 5.46 0.66
N ASN A 9 5.89 4.30 1.25
CA ASN A 9 6.09 3.08 0.46
C ASN A 9 5.27 1.92 1.02
N SER A 10 5.30 1.78 2.34
CA SER A 10 4.56 0.72 3.01
C SER A 10 3.97 1.22 4.32
N ASP A 11 3.38 2.41 4.28
CA ASP A 11 2.78 3.02 5.46
C ASP A 11 1.39 2.43 5.72
N CYS A 12 1.33 1.11 5.86
CA CYS A 12 0.07 0.43 6.11
C CYS A 12 0.26 -0.79 7.01
N ASN A 13 0.64 -1.92 6.41
CA ASN A 13 0.85 -3.15 7.17
C ASN A 13 1.97 -3.98 6.56
N ILE A 14 2.14 -5.20 7.06
CA ILE A 14 3.17 -6.10 6.56
C ILE A 14 2.76 -6.78 5.26
N ILE A 15 1.46 -6.74 4.96
CA ILE A 15 0.94 -7.34 3.73
C ILE A 15 1.22 -6.46 2.54
N TRP A 16 0.60 -5.29 2.54
CA TRP A 16 0.74 -4.35 1.45
C TRP A 16 1.82 -3.32 1.73
N ARG A 17 2.98 -3.53 1.12
CA ARG A 17 4.12 -2.64 1.30
C ARG A 17 4.49 -1.97 -0.01
N ILE A 18 3.61 -2.05 -1.00
CA ILE A 18 3.86 -1.44 -2.29
C ILE A 18 2.92 -0.26 -2.51
N CYS A 19 3.31 0.89 -1.98
CA CYS A 19 2.50 2.08 -2.10
C CYS A 19 2.31 2.49 -3.55
N ARG A 20 1.37 1.83 -4.22
CA ARG A 20 1.08 2.13 -5.62
C ARG A 20 0.18 3.36 -5.71
N ASP A 21 -0.57 3.48 -6.80
CA ASP A 21 -1.46 4.63 -7.01
C ASP A 21 -2.15 5.10 -5.72
N GLY A 22 -1.37 5.73 -4.85
CA GLY A 22 -1.89 6.22 -3.58
C GLY A 22 -2.48 5.13 -2.71
N CYS A 23 -2.14 3.88 -3.02
CA CYS A 23 -2.66 2.76 -2.24
C CYS A 23 -1.57 1.72 -1.96
N CYS A 24 -1.86 0.79 -1.06
CA CYS A 24 -0.90 -0.24 -0.71
C CYS A 24 -1.14 -1.51 -1.51
N ASN A 25 -0.07 -2.05 -2.08
CA ASN A 25 -0.18 -3.27 -2.87
C ASN A 25 0.74 -4.36 -2.33
N VAL A 26 0.33 -5.61 -2.49
CA VAL A 26 1.12 -6.74 -2.02
C VAL A 26 2.08 -7.24 -3.08
N ILE A 27 2.22 -6.46 -4.15
CA ILE A 27 3.12 -6.80 -5.25
C ILE A 27 4.48 -7.25 -4.73
N GLN A 1 -9.33 -5.29 -5.81
CA GLN A 1 -8.10 -4.77 -5.14
C GLN A 1 -8.46 -3.98 -3.88
N LEU A 2 -7.53 -3.95 -2.93
CA LEU A 2 -7.75 -3.23 -1.68
C LEU A 2 -6.94 -1.94 -1.65
N CYS A 3 -7.45 -0.90 -2.33
CA CYS A 3 -6.77 0.39 -2.37
C CYS A 3 -6.63 0.98 -0.97
N LEU A 4 -5.55 0.59 -0.29
CA LEU A 4 -5.29 1.08 1.06
C LEU A 4 -4.46 2.37 1.02
N GLN A 5 -5.13 3.51 1.21
CA GLN A 5 -4.47 4.81 1.21
C GLN A 5 -3.05 4.71 1.77
N CYS A 6 -2.06 4.83 0.89
CA CYS A 6 -0.66 4.76 1.31
C CYS A 6 -0.05 6.16 1.41
N ARG A 7 1.23 6.22 1.72
CA ARG A 7 1.92 7.50 1.85
C ARG A 7 3.31 7.46 1.23
N SER A 8 4.18 6.67 1.83
CA SER A 8 5.55 6.54 1.35
C SER A 8 5.73 5.30 0.47
N ASN A 9 5.97 4.15 1.09
CA ASN A 9 6.15 2.91 0.36
C ASN A 9 5.28 1.79 0.94
N SER A 10 5.25 1.70 2.26
CA SER A 10 4.47 0.68 2.94
C SER A 10 3.82 1.25 4.19
N ASP A 11 3.12 2.37 4.03
CA ASP A 11 2.45 3.01 5.15
C ASP A 11 1.13 2.31 5.46
N CYS A 12 1.20 1.01 5.70
CA CYS A 12 0.01 0.23 6.01
C CYS A 12 0.33 -0.92 6.96
N ASN A 13 0.92 -1.98 6.41
CA ASN A 13 1.28 -3.15 7.21
C ASN A 13 2.17 -4.08 6.39
N ILE A 14 2.44 -5.27 6.92
CA ILE A 14 3.29 -6.23 6.24
C ILE A 14 2.69 -6.71 4.92
N ILE A 15 1.41 -7.07 4.96
CA ILE A 15 0.72 -7.55 3.77
C ILE A 15 0.97 -6.61 2.58
N TRP A 16 0.55 -5.37 2.74
CA TRP A 16 0.71 -4.37 1.69
C TRP A 16 1.92 -3.49 1.92
N ARG A 17 2.90 -3.61 1.04
CA ARG A 17 4.13 -2.83 1.16
C ARG A 17 4.45 -2.09 -0.14
N ILE A 18 3.52 -2.09 -1.09
CA ILE A 18 3.73 -1.40 -2.35
C ILE A 18 2.79 -0.22 -2.49
N CYS A 19 3.22 0.93 -1.96
CA CYS A 19 2.41 2.14 -2.02
C CYS A 19 2.22 2.57 -3.48
N ARG A 20 1.28 1.93 -4.15
CA ARG A 20 0.99 2.25 -5.54
C ARG A 20 0.10 3.49 -5.60
N ASP A 21 -0.68 3.62 -6.68
CA ASP A 21 -1.56 4.78 -6.88
C ASP A 21 -2.21 5.24 -5.56
N GLY A 22 -1.41 5.85 -4.70
CA GLY A 22 -1.91 6.34 -3.43
C GLY A 22 -2.52 5.24 -2.58
N CYS A 23 -2.14 4.00 -2.84
CA CYS A 23 -2.67 2.87 -2.07
C CYS A 23 -1.59 1.82 -1.81
N CYS A 24 -1.82 0.99 -0.80
CA CYS A 24 -0.88 -0.06 -0.46
C CYS A 24 -1.24 -1.35 -1.19
N ASN A 25 -0.24 -1.94 -1.86
CA ASN A 25 -0.47 -3.18 -2.60
C ASN A 25 0.33 -4.32 -2.00
N VAL A 26 -0.18 -5.53 -2.20
CA VAL A 26 0.48 -6.73 -1.68
C VAL A 26 1.47 -7.31 -2.70
N ILE A 27 1.62 -6.63 -3.83
CA ILE A 27 2.54 -7.10 -4.87
C ILE A 27 3.95 -6.59 -4.64
N GLN A 1 -10.62 -5.20 -4.61
CA GLN A 1 -9.98 -3.87 -4.65
C GLN A 1 -9.50 -3.44 -3.27
N LEU A 2 -8.20 -3.65 -3.00
CA LEU A 2 -7.62 -3.29 -1.72
C LEU A 2 -6.78 -2.03 -1.84
N CYS A 3 -7.36 -0.99 -2.43
CA CYS A 3 -6.66 0.27 -2.61
C CYS A 3 -6.48 0.99 -1.28
N LEU A 4 -5.68 0.40 -0.40
CA LEU A 4 -5.42 0.96 0.92
C LEU A 4 -4.60 2.23 0.82
N GLN A 5 -5.24 3.38 1.05
CA GLN A 5 -4.55 4.67 0.99
C GLN A 5 -3.15 4.58 1.58
N CYS A 6 -2.14 4.73 0.72
CA CYS A 6 -0.75 4.65 1.16
C CYS A 6 -0.15 6.05 1.29
N ARG A 7 1.07 6.11 1.80
CA ARG A 7 1.74 7.40 1.98
C ARG A 7 3.14 7.39 1.39
N SER A 8 4.04 6.65 2.03
CA SER A 8 5.43 6.56 1.58
C SER A 8 5.64 5.34 0.68
N ASN A 9 5.89 4.19 1.30
CA ASN A 9 6.11 2.95 0.55
C ASN A 9 5.36 1.78 1.17
N SER A 10 5.43 1.68 2.50
CA SER A 10 4.76 0.61 3.22
C SER A 10 3.98 1.16 4.40
N ASP A 11 3.32 2.30 4.20
CA ASP A 11 2.53 2.93 5.25
C ASP A 11 1.20 2.22 5.43
N CYS A 12 1.26 0.91 5.67
CA CYS A 12 0.07 0.10 5.87
C CYS A 12 0.32 -1.04 6.83
N ASN A 13 0.88 -2.14 6.32
CA ASN A 13 1.18 -3.30 7.14
C ASN A 13 2.20 -4.21 6.46
N ILE A 14 2.43 -5.39 7.04
CA ILE A 14 3.38 -6.34 6.49
C ILE A 14 2.88 -6.95 5.19
N ILE A 15 1.57 -6.86 4.96
CA ILE A 15 0.97 -7.40 3.75
C ILE A 15 1.18 -6.46 2.57
N TRP A 16 0.63 -5.26 2.70
CA TRP A 16 0.73 -4.26 1.66
C TRP A 16 1.86 -3.27 1.93
N ARG A 17 2.94 -3.44 1.18
CA ARG A 17 4.11 -2.57 1.33
C ARG A 17 4.47 -1.89 0.01
N ILE A 18 3.57 -1.97 -0.97
CA ILE A 18 3.82 -1.35 -2.26
C ILE A 18 2.88 -0.16 -2.46
N CYS A 19 3.27 0.99 -1.93
CA CYS A 19 2.47 2.19 -2.04
C CYS A 19 2.30 2.60 -3.50
N ARG A 20 1.39 1.93 -4.20
CA ARG A 20 1.12 2.23 -5.60
C ARG A 20 0.24 3.46 -5.70
N ASP A 21 -0.51 3.58 -6.80
CA ASP A 21 -1.41 4.72 -7.03
C ASP A 21 -2.11 5.17 -5.74
N GLY A 22 -1.35 5.80 -4.85
CA GLY A 22 -1.91 6.27 -3.60
C GLY A 22 -2.52 5.16 -2.78
N CYS A 23 -2.13 3.93 -3.04
CA CYS A 23 -2.67 2.79 -2.31
C CYS A 23 -1.58 1.78 -1.97
N CYS A 24 -1.88 0.91 -1.00
CA CYS A 24 -0.92 -0.12 -0.58
C CYS A 24 -1.17 -1.42 -1.33
N ASN A 25 -0.12 -1.95 -1.94
CA ASN A 25 -0.24 -3.19 -2.70
C ASN A 25 0.62 -4.30 -2.10
N VAL A 26 0.19 -5.54 -2.30
CA VAL A 26 0.91 -6.69 -1.78
C VAL A 26 1.93 -7.21 -2.79
N ILE A 27 1.96 -6.62 -3.97
CA ILE A 27 2.87 -7.05 -5.02
C ILE A 27 4.25 -6.41 -4.84
N GLN A 1 -8.02 -5.90 -4.80
CA GLN A 1 -8.74 -4.62 -5.07
C GLN A 1 -8.97 -3.84 -3.79
N LEU A 2 -7.98 -3.86 -2.90
CA LEU A 2 -8.08 -3.14 -1.63
C LEU A 2 -7.19 -1.90 -1.64
N CYS A 3 -7.63 -0.87 -2.34
CA CYS A 3 -6.88 0.38 -2.43
C CYS A 3 -6.70 0.99 -1.04
N LEU A 4 -5.66 0.58 -0.34
CA LEU A 4 -5.38 1.09 0.99
C LEU A 4 -4.53 2.35 0.92
N GLN A 5 -5.15 3.50 1.16
CA GLN A 5 -4.44 4.79 1.13
C GLN A 5 -3.02 4.66 1.69
N CYS A 6 -2.03 4.80 0.82
CA CYS A 6 -0.63 4.70 1.23
C CYS A 6 -0.01 6.09 1.36
N ARG A 7 1.21 6.13 1.87
CA ARG A 7 1.90 7.40 2.04
C ARG A 7 3.29 7.37 1.40
N SER A 8 4.20 6.63 2.02
CA SER A 8 5.57 6.53 1.51
C SER A 8 5.73 5.34 0.57
N ASN A 9 5.97 4.17 1.15
CA ASN A 9 6.14 2.95 0.36
C ASN A 9 5.34 1.80 0.93
N SER A 10 5.40 1.63 2.24
CA SER A 10 4.66 0.57 2.92
C SER A 10 4.01 1.10 4.19
N ASP A 11 3.38 2.27 4.09
CA ASP A 11 2.70 2.87 5.23
C ASP A 11 1.35 2.21 5.48
N CYS A 12 1.37 0.88 5.65
CA CYS A 12 0.14 0.14 5.90
C CYS A 12 0.38 -0.99 6.90
N ASN A 13 0.80 -2.15 6.40
CA ASN A 13 1.06 -3.30 7.27
C ASN A 13 2.09 -4.24 6.63
N ILE A 14 2.24 -5.43 7.20
CA ILE A 14 3.18 -6.42 6.69
C ILE A 14 2.67 -7.04 5.39
N ILE A 15 1.42 -6.78 5.04
CA ILE A 15 0.82 -7.31 3.83
C ILE A 15 1.08 -6.39 2.65
N TRP A 16 0.48 -5.21 2.71
CA TRP A 16 0.60 -4.22 1.66
C TRP A 16 1.72 -3.23 1.93
N ARG A 17 2.81 -3.40 1.20
CA ARG A 17 3.98 -2.53 1.33
C ARG A 17 4.35 -1.87 0.01
N ILE A 18 3.45 -1.97 -0.97
CA ILE A 18 3.70 -1.38 -2.27
C ILE A 18 2.79 -0.18 -2.48
N CYS A 19 3.21 0.97 -1.96
CA CYS A 19 2.43 2.19 -2.08
C CYS A 19 2.24 2.59 -3.54
N ARG A 20 1.32 1.93 -4.21
CA ARG A 20 1.02 2.22 -5.61
C ARG A 20 0.13 3.45 -5.69
N ASP A 21 -0.64 3.58 -6.77
CA ASP A 21 -1.54 4.73 -6.97
C ASP A 21 -2.19 5.20 -5.67
N GLY A 22 -1.39 5.83 -4.81
CA GLY A 22 -1.90 6.32 -3.54
C GLY A 22 -2.51 5.23 -2.69
N CYS A 23 -2.15 3.98 -2.96
CA CYS A 23 -2.68 2.86 -2.19
C CYS A 23 -1.59 1.82 -1.90
N CYS A 24 -1.87 0.96 -0.92
CA CYS A 24 -0.92 -0.08 -0.54
C CYS A 24 -1.22 -1.37 -1.29
N ASN A 25 -0.21 -1.89 -1.97
CA ASN A 25 -0.37 -3.13 -2.74
C ASN A 25 0.52 -4.24 -2.19
N VAL A 26 0.03 -5.47 -2.30
CA VAL A 26 0.78 -6.64 -1.83
C VAL A 26 1.67 -7.21 -2.92
N ILE A 27 1.67 -6.60 -4.09
CA ILE A 27 2.47 -7.07 -5.21
C ILE A 27 3.86 -6.43 -5.20
N GLN A 1 -8.05 -6.59 -4.15
CA GLN A 1 -8.91 -5.40 -4.41
C GLN A 1 -9.08 -4.56 -3.14
N LEU A 2 -8.08 -3.74 -2.85
CA LEU A 2 -8.11 -2.88 -1.67
C LEU A 2 -7.13 -1.73 -1.81
N CYS A 3 -7.63 -0.57 -2.23
CA CYS A 3 -6.79 0.61 -2.41
C CYS A 3 -6.44 1.24 -1.06
N LEU A 4 -5.70 0.49 -0.25
CA LEU A 4 -5.28 0.95 1.06
C LEU A 4 -4.46 2.23 0.96
N GLN A 5 -5.07 3.37 1.24
CA GLN A 5 -4.39 4.66 1.18
C GLN A 5 -2.96 4.55 1.73
N CYS A 6 -1.98 4.73 0.87
CA CYS A 6 -0.58 4.63 1.27
C CYS A 6 0.04 6.01 1.39
N ARG A 7 1.22 6.08 2.00
CA ARG A 7 1.91 7.35 2.18
C ARG A 7 3.27 7.33 1.48
N SER A 8 4.22 6.61 2.07
CA SER A 8 5.56 6.52 1.51
C SER A 8 5.71 5.30 0.60
N ASN A 9 5.98 4.15 1.18
CA ASN A 9 6.15 2.92 0.40
C ASN A 9 5.29 1.79 0.97
N SER A 10 5.31 1.66 2.29
CA SER A 10 4.54 0.62 2.96
C SER A 10 3.98 1.14 4.28
N ASP A 11 3.43 2.36 4.24
CA ASP A 11 2.86 2.97 5.43
C ASP A 11 1.45 2.43 5.70
N CYS A 12 1.35 1.12 5.84
CA CYS A 12 0.06 0.48 6.11
C CYS A 12 0.22 -0.75 7.00
N ASN A 13 0.56 -1.89 6.40
CA ASN A 13 0.74 -3.13 7.15
C ASN A 13 1.85 -3.97 6.55
N ILE A 14 1.93 -5.23 6.98
CA ILE A 14 2.95 -6.15 6.49
C ILE A 14 2.52 -6.82 5.18
N ILE A 15 1.22 -6.74 4.87
CA ILE A 15 0.70 -7.33 3.65
C ILE A 15 0.99 -6.43 2.45
N TRP A 16 0.40 -5.25 2.46
CA TRP A 16 0.56 -4.30 1.38
C TRP A 16 1.66 -3.30 1.67
N ARG A 17 2.82 -3.54 1.06
CA ARG A 17 3.98 -2.67 1.24
C ARG A 17 4.36 -2.00 -0.08
N ILE A 18 3.47 -2.06 -1.06
CA ILE A 18 3.72 -1.44 -2.36
C ILE A 18 2.83 -0.24 -2.55
N CYS A 19 3.24 0.89 -2.00
CA CYS A 19 2.46 2.12 -2.09
C CYS A 19 2.28 2.55 -3.54
N ARG A 20 1.33 1.93 -4.21
CA ARG A 20 1.03 2.26 -5.60
C ARG A 20 0.17 3.54 -5.65
N ASP A 21 -0.57 3.72 -6.74
CA ASP A 21 -1.42 4.90 -6.91
C ASP A 21 -2.09 5.34 -5.62
N GLY A 22 -1.30 5.93 -4.72
CA GLY A 22 -1.82 6.40 -3.45
C GLY A 22 -2.44 5.30 -2.62
N CYS A 23 -2.13 4.05 -2.94
CA CYS A 23 -2.68 2.92 -2.20
C CYS A 23 -1.61 1.86 -1.94
N CYS A 24 -1.91 0.93 -1.05
CA CYS A 24 -0.98 -0.15 -0.71
C CYS A 24 -1.27 -1.40 -1.53
N ASN A 25 -0.22 -1.95 -2.12
CA ASN A 25 -0.36 -3.17 -2.92
C ASN A 25 0.54 -4.28 -2.40
N VAL A 26 0.09 -5.52 -2.57
CA VAL A 26 0.86 -6.68 -2.11
C VAL A 26 1.80 -7.19 -3.19
N ILE A 27 1.95 -6.41 -4.25
CA ILE A 27 2.82 -6.76 -5.35
C ILE A 27 4.19 -7.24 -4.85
N GLN A 1 -9.95 -5.30 -5.38
CA GLN A 1 -8.74 -5.08 -4.55
C GLN A 1 -8.99 -4.03 -3.48
N LEU A 2 -8.09 -3.97 -2.49
CA LEU A 2 -8.21 -3.01 -1.40
C LEU A 2 -7.23 -1.86 -1.57
N CYS A 3 -7.69 -0.79 -2.20
CA CYS A 3 -6.85 0.38 -2.43
C CYS A 3 -6.56 1.11 -1.12
N LEU A 4 -5.77 0.48 -0.26
CA LEU A 4 -5.42 1.05 1.03
C LEU A 4 -4.55 2.29 0.84
N GLN A 5 -5.12 3.47 1.11
CA GLN A 5 -4.38 4.73 0.97
C GLN A 5 -2.96 4.59 1.53
N CYS A 6 -1.97 4.78 0.66
CA CYS A 6 -0.58 4.68 1.07
C CYS A 6 0.04 6.07 1.20
N ARG A 7 1.03 6.20 2.08
CA ARG A 7 1.69 7.48 2.29
C ARG A 7 3.08 7.50 1.69
N SER A 8 4.01 6.80 2.32
CA SER A 8 5.39 6.74 1.84
C SER A 8 5.59 5.59 0.86
N ASN A 9 5.82 4.38 1.39
CA ASN A 9 6.04 3.22 0.54
C ASN A 9 5.31 2.00 1.11
N SER A 10 5.44 1.79 2.41
CA SER A 10 4.80 0.68 3.07
C SER A 10 4.08 1.14 4.34
N ASP A 11 3.45 2.30 4.26
CA ASP A 11 2.72 2.85 5.39
C ASP A 11 1.37 2.17 5.55
N CYS A 12 1.39 0.84 5.65
CA CYS A 12 0.16 0.07 5.80
C CYS A 12 0.37 -1.14 6.71
N ASN A 13 0.92 -2.21 6.14
CA ASN A 13 1.17 -3.43 6.91
C ASN A 13 2.14 -4.36 6.17
N ILE A 14 2.42 -5.51 6.78
CA ILE A 14 3.33 -6.48 6.18
C ILE A 14 2.80 -6.98 4.83
N ILE A 15 1.49 -6.94 4.67
CA ILE A 15 0.86 -7.37 3.43
C ILE A 15 1.08 -6.35 2.33
N TRP A 16 0.48 -5.19 2.52
CA TRP A 16 0.57 -4.11 1.55
C TRP A 16 1.69 -3.13 1.88
N ARG A 17 2.79 -3.27 1.16
CA ARG A 17 3.95 -2.41 1.35
C ARG A 17 4.37 -1.74 0.03
N ILE A 18 3.55 -1.93 -1.01
CA ILE A 18 3.84 -1.34 -2.31
C ILE A 18 2.93 -0.15 -2.54
N CYS A 19 3.34 1.01 -2.02
CA CYS A 19 2.54 2.22 -2.16
C CYS A 19 2.35 2.58 -3.62
N ARG A 20 1.40 1.92 -4.27
CA ARG A 20 1.09 2.19 -5.66
C ARG A 20 0.22 3.43 -5.77
N ASP A 21 -0.53 3.56 -6.87
CA ASP A 21 -1.40 4.72 -7.09
C ASP A 21 -2.08 5.19 -5.80
N GLY A 22 -1.30 5.83 -4.93
CA GLY A 22 -1.82 6.33 -3.68
C GLY A 22 -2.44 5.24 -2.82
N CYS A 23 -2.09 3.99 -3.09
CA CYS A 23 -2.63 2.86 -2.33
C CYS A 23 -1.54 1.86 -1.98
N CYS A 24 -1.86 0.95 -1.06
CA CYS A 24 -0.92 -0.07 -0.62
C CYS A 24 -1.18 -1.38 -1.35
N ASN A 25 -0.16 -1.89 -2.02
CA ASN A 25 -0.29 -3.15 -2.76
C ASN A 25 0.59 -4.24 -2.16
N VAL A 26 0.03 -5.43 -1.99
CA VAL A 26 0.75 -6.56 -1.43
C VAL A 26 1.41 -7.39 -2.53
N ILE A 27 1.89 -6.70 -3.57
CA ILE A 27 2.54 -7.37 -4.69
C ILE A 27 4.04 -7.52 -4.45
N GLN A 1 -8.27 -6.76 -3.84
CA GLN A 1 -7.90 -5.44 -4.40
C GLN A 1 -8.38 -4.31 -3.50
N LEU A 2 -7.63 -4.04 -2.43
CA LEU A 2 -7.98 -2.99 -1.49
C LEU A 2 -7.06 -1.78 -1.65
N CYS A 3 -7.58 -0.71 -2.23
CA CYS A 3 -6.79 0.51 -2.43
C CYS A 3 -6.53 1.21 -1.11
N LEU A 4 -5.74 0.55 -0.25
CA LEU A 4 -5.40 1.12 1.06
C LEU A 4 -4.54 2.36 0.90
N GLN A 5 -5.13 3.52 1.15
CA GLN A 5 -4.41 4.80 1.04
C GLN A 5 -3.00 4.68 1.61
N CYS A 6 -2.00 4.86 0.76
CA CYS A 6 -0.60 4.78 1.18
C CYS A 6 0.00 6.18 1.32
N ARG A 7 1.16 6.26 1.95
CA ARG A 7 1.82 7.54 2.14
C ARG A 7 3.23 7.54 1.56
N SER A 8 4.11 6.76 2.17
CA SER A 8 5.49 6.67 1.72
C SER A 8 5.69 5.52 0.74
N ASN A 9 5.92 4.32 1.28
CA ASN A 9 6.12 3.14 0.45
C ASN A 9 5.32 1.96 0.99
N SER A 10 5.42 1.72 2.29
CA SER A 10 4.71 0.64 2.92
C SER A 10 4.01 1.11 4.20
N ASP A 11 3.37 2.27 4.11
CA ASP A 11 2.66 2.84 5.25
C ASP A 11 1.33 2.14 5.47
N CYS A 12 1.38 0.81 5.61
CA CYS A 12 0.16 0.02 5.82
C CYS A 12 0.45 -1.17 6.74
N ASN A 13 0.82 -2.31 6.17
CA ASN A 13 1.12 -3.50 6.95
C ASN A 13 2.04 -4.43 6.17
N ILE A 14 2.23 -5.64 6.68
CA ILE A 14 3.09 -6.60 6.00
C ILE A 14 2.48 -7.06 4.69
N ILE A 15 1.15 -6.97 4.61
CA ILE A 15 0.44 -7.34 3.41
C ILE A 15 0.73 -6.36 2.28
N TRP A 16 0.24 -5.15 2.46
CA TRP A 16 0.41 -4.11 1.46
C TRP A 16 1.54 -3.15 1.82
N ARG A 17 2.66 -3.31 1.13
CA ARG A 17 3.83 -2.46 1.34
C ARG A 17 4.26 -1.77 0.05
N ILE A 18 3.46 -1.93 -1.01
CA ILE A 18 3.77 -1.30 -2.28
C ILE A 18 2.88 -0.10 -2.50
N CYS A 19 3.28 1.05 -1.96
CA CYS A 19 2.50 2.27 -2.09
C CYS A 19 2.33 2.66 -3.55
N ARG A 20 1.38 2.01 -4.22
CA ARG A 20 1.09 2.30 -5.62
C ARG A 20 0.22 3.55 -5.71
N ASP A 21 -0.53 3.68 -6.80
CA ASP A 21 -1.41 4.85 -7.01
C ASP A 21 -2.08 5.31 -5.72
N GLY A 22 -1.29 5.94 -4.85
CA GLY A 22 -1.82 6.44 -3.59
C GLY A 22 -2.43 5.35 -2.74
N CYS A 23 -2.09 4.10 -3.01
CA CYS A 23 -2.63 2.98 -2.25
C CYS A 23 -1.55 1.94 -1.94
N CYS A 24 -1.86 1.03 -1.01
CA CYS A 24 -0.92 0.00 -0.62
C CYS A 24 -1.21 -1.29 -1.38
N ASN A 25 -0.20 -1.81 -2.08
CA ASN A 25 -0.36 -3.05 -2.84
C ASN A 25 0.47 -4.18 -2.23
N VAL A 26 -0.14 -5.36 -2.11
CA VAL A 26 0.54 -6.53 -1.55
C VAL A 26 1.23 -7.34 -2.64
N ILE A 27 1.75 -6.65 -3.65
CA ILE A 27 2.43 -7.32 -4.75
C ILE A 27 3.90 -7.57 -4.42
N GLN A 1 -9.04 -6.53 -4.26
CA GLN A 1 -8.98 -5.08 -4.58
C GLN A 1 -9.11 -4.23 -3.32
N LEU A 2 -7.97 -3.89 -2.73
CA LEU A 2 -7.95 -3.08 -1.51
C LEU A 2 -7.03 -1.88 -1.66
N CYS A 3 -7.55 -0.81 -2.26
CA CYS A 3 -6.77 0.40 -2.47
C CYS A 3 -6.51 1.11 -1.15
N LEU A 4 -5.74 0.48 -0.28
CA LEU A 4 -5.41 1.04 1.02
C LEU A 4 -4.56 2.30 0.86
N GLN A 5 -5.17 3.46 1.12
CA GLN A 5 -4.45 4.73 1.01
C GLN A 5 -3.04 4.63 1.59
N CYS A 6 -2.03 4.81 0.74
CA CYS A 6 -0.65 4.74 1.17
C CYS A 6 -0.06 6.13 1.32
N ARG A 7 1.14 6.21 1.89
CA ARG A 7 1.78 7.49 2.10
C ARG A 7 3.19 7.51 1.52
N SER A 8 4.09 6.76 2.14
CA SER A 8 5.48 6.70 1.67
C SER A 8 5.70 5.52 0.73
N ASN A 9 5.94 4.34 1.29
CA ASN A 9 6.15 3.14 0.48
C ASN A 9 5.35 1.97 1.03
N SER A 10 5.46 1.75 2.33
CA SER A 10 4.75 0.65 2.98
C SER A 10 4.03 1.14 4.22
N ASP A 11 3.37 2.30 4.10
CA ASP A 11 2.64 2.88 5.23
C ASP A 11 1.32 2.15 5.43
N CYS A 12 1.38 0.82 5.59
CA CYS A 12 0.19 0.02 5.80
C CYS A 12 0.48 -1.17 6.72
N ASN A 13 0.84 -2.31 6.14
CA ASN A 13 1.15 -3.51 6.92
C ASN A 13 2.04 -4.45 6.14
N ILE A 14 2.34 -5.61 6.72
CA ILE A 14 3.19 -6.60 6.07
C ILE A 14 2.57 -7.05 4.75
N ILE A 15 1.26 -6.95 4.66
CA ILE A 15 0.54 -7.34 3.46
C ILE A 15 0.83 -6.36 2.33
N TRP A 16 0.33 -5.14 2.51
CA TRP A 16 0.49 -4.11 1.50
C TRP A 16 1.61 -3.14 1.86
N ARG A 17 2.74 -3.29 1.17
CA ARG A 17 3.90 -2.43 1.39
C ARG A 17 4.34 -1.74 0.10
N ILE A 18 3.54 -1.90 -0.96
CA ILE A 18 3.85 -1.27 -2.24
C ILE A 18 2.94 -0.08 -2.48
N CYS A 19 3.32 1.06 -1.92
CA CYS A 19 2.53 2.27 -2.05
C CYS A 19 2.36 2.67 -3.51
N ARG A 20 1.42 2.01 -4.19
CA ARG A 20 1.15 2.31 -5.59
C ARG A 20 0.27 3.55 -5.68
N ASP A 21 -0.47 3.69 -6.79
CA ASP A 21 -1.34 4.84 -7.01
C ASP A 21 -2.04 5.30 -5.72
N GLY A 22 -1.28 5.92 -4.84
CA GLY A 22 -1.83 6.41 -3.58
C GLY A 22 -2.45 5.31 -2.74
N CYS A 23 -2.08 4.07 -3.02
CA CYS A 23 -2.63 2.93 -2.28
C CYS A 23 -1.54 1.92 -1.94
N CYS A 24 -1.85 1.01 -1.03
CA CYS A 24 -0.90 -0.02 -0.62
C CYS A 24 -1.17 -1.32 -1.38
N ASN A 25 -0.14 -1.83 -2.05
CA ASN A 25 -0.28 -3.07 -2.80
C ASN A 25 0.57 -4.18 -2.19
N VAL A 26 -0.02 -5.38 -2.07
CA VAL A 26 0.66 -6.53 -1.50
C VAL A 26 1.37 -7.34 -2.58
N ILE A 27 1.89 -6.65 -3.58
CA ILE A 27 2.60 -7.32 -4.69
C ILE A 27 4.08 -7.45 -4.39
N GLN A 1 -9.61 -6.49 -4.28
CA GLN A 1 -8.88 -5.22 -4.48
C GLN A 1 -9.13 -4.25 -3.32
N LEU A 2 -8.05 -3.84 -2.68
CA LEU A 2 -8.14 -2.92 -1.54
C LEU A 2 -7.15 -1.77 -1.69
N CYS A 3 -7.63 -0.65 -2.20
CA CYS A 3 -6.77 0.52 -2.39
C CYS A 3 -6.41 1.15 -1.05
N LEU A 4 -5.64 0.41 -0.25
CA LEU A 4 -5.21 0.89 1.06
C LEU A 4 -4.41 2.18 0.94
N GLN A 5 -5.04 3.31 1.23
CA GLN A 5 -4.37 4.61 1.17
C GLN A 5 -2.95 4.51 1.74
N CYS A 6 -1.95 4.71 0.87
CA CYS A 6 -0.56 4.63 1.29
C CYS A 6 0.05 6.02 1.40
N ARG A 7 1.20 6.11 2.05
CA ARG A 7 1.87 7.39 2.22
C ARG A 7 3.24 7.40 1.53
N SER A 8 4.19 6.69 2.14
CA SER A 8 5.54 6.62 1.60
C SER A 8 5.70 5.41 0.66
N ASN A 9 5.96 4.24 1.24
CA ASN A 9 6.13 3.02 0.46
C ASN A 9 5.27 1.88 1.01
N SER A 10 5.29 1.73 2.33
CA SER A 10 4.52 0.69 2.99
C SER A 10 3.96 1.19 4.32
N ASP A 11 3.41 2.41 4.29
CA ASP A 11 2.84 3.01 5.49
C ASP A 11 1.44 2.47 5.76
N CYS A 12 1.34 1.16 5.89
CA CYS A 12 0.06 0.52 6.15
C CYS A 12 0.21 -0.73 7.01
N ASN A 13 0.49 -1.87 6.38
CA ASN A 13 0.66 -3.12 7.10
C ASN A 13 1.75 -3.99 6.47
N ILE A 14 1.95 -5.18 7.02
CA ILE A 14 2.94 -6.10 6.50
C ILE A 14 2.48 -6.77 5.22
N ILE A 15 1.17 -6.70 4.96
CA ILE A 15 0.61 -7.29 3.76
C ILE A 15 0.96 -6.47 2.53
N TRP A 16 0.43 -5.27 2.50
CA TRP A 16 0.64 -4.36 1.38
C TRP A 16 1.76 -3.37 1.67
N ARG A 17 2.91 -3.59 1.05
CA ARG A 17 4.06 -2.73 1.23
C ARG A 17 4.43 -2.02 -0.06
N ILE A 18 3.55 -2.07 -1.05
CA ILE A 18 3.80 -1.42 -2.32
C ILE A 18 2.88 -0.23 -2.51
N CYS A 19 3.30 0.92 -2.00
CA CYS A 19 2.51 2.13 -2.09
C CYS A 19 2.33 2.55 -3.54
N ARG A 20 1.39 1.90 -4.22
CA ARG A 20 1.10 2.22 -5.62
C ARG A 20 0.21 3.46 -5.69
N ASP A 21 -0.55 3.61 -6.77
CA ASP A 21 -1.44 4.75 -6.97
C ASP A 21 -2.09 5.21 -5.66
N GLY A 22 -1.30 5.83 -4.79
CA GLY A 22 -1.81 6.31 -3.52
C GLY A 22 -2.41 5.22 -2.66
N CYS A 23 -2.08 3.97 -2.97
CA CYS A 23 -2.61 2.84 -2.22
C CYS A 23 -1.54 1.79 -1.96
N CYS A 24 -1.83 0.86 -1.05
CA CYS A 24 -0.88 -0.20 -0.71
C CYS A 24 -1.15 -1.44 -1.54
N ASN A 25 -0.10 -1.99 -2.14
CA ASN A 25 -0.24 -3.20 -2.95
C ASN A 25 0.65 -4.31 -2.42
N VAL A 26 0.19 -5.55 -2.58
CA VAL A 26 0.94 -6.72 -2.12
C VAL A 26 1.89 -7.25 -3.20
N ILE A 27 1.91 -6.58 -4.35
CA ILE A 27 2.77 -7.01 -5.46
C ILE A 27 4.14 -6.35 -5.38
N GLN A 1 -8.52 -6.27 -4.85
CA GLN A 1 -7.99 -4.88 -5.01
C GLN A 1 -8.44 -3.99 -3.86
N LEU A 2 -7.62 -3.94 -2.81
CA LEU A 2 -7.93 -3.11 -1.65
C LEU A 2 -7.08 -1.83 -1.64
N CYS A 3 -7.57 -0.81 -2.33
CA CYS A 3 -6.86 0.46 -2.40
C CYS A 3 -6.70 1.07 -1.00
N LEU A 4 -5.65 0.67 -0.31
CA LEU A 4 -5.38 1.18 1.03
C LEU A 4 -4.52 2.44 0.96
N GLN A 5 -5.16 3.60 1.14
CA GLN A 5 -4.46 4.89 1.11
C GLN A 5 -3.05 4.76 1.69
N CYS A 6 -2.04 4.87 0.83
CA CYS A 6 -0.65 4.77 1.26
C CYS A 6 -0.03 6.15 1.40
N ARG A 7 1.23 6.18 1.83
CA ARG A 7 1.92 7.45 2.00
C ARG A 7 3.31 7.41 1.37
N SER A 8 4.19 6.61 1.95
CA SER A 8 5.56 6.49 1.47
C SER A 8 5.72 5.28 0.54
N ASN A 9 5.96 4.11 1.13
CA ASN A 9 6.14 2.89 0.35
C ASN A 9 5.32 1.74 0.93
N SER A 10 5.35 1.61 2.25
CA SER A 10 4.61 0.56 2.92
C SER A 10 3.94 1.09 4.18
N ASP A 11 3.28 2.23 4.04
CA ASP A 11 2.59 2.86 5.17
C ASP A 11 1.26 2.18 5.43
N CYS A 12 1.31 0.86 5.64
CA CYS A 12 0.09 0.09 5.91
C CYS A 12 0.37 -1.08 6.85
N ASN A 13 0.80 -2.21 6.28
CA ASN A 13 1.10 -3.39 7.07
C ASN A 13 1.98 -4.37 6.29
N ILE A 14 2.46 -5.40 6.98
CA ILE A 14 3.32 -6.40 6.37
C ILE A 14 2.74 -6.94 5.07
N ILE A 15 1.42 -6.88 4.96
CA ILE A 15 0.74 -7.36 3.75
C ILE A 15 0.97 -6.43 2.59
N TRP A 16 0.47 -5.21 2.72
CA TRP A 16 0.59 -4.21 1.67
C TRP A 16 1.75 -3.26 1.94
N ARG A 17 2.81 -3.43 1.14
CA ARG A 17 4.00 -2.60 1.28
C ARG A 17 4.35 -1.93 -0.04
N ILE A 18 3.45 -1.97 -1.00
CA ILE A 18 3.67 -1.36 -2.30
C ILE A 18 2.76 -0.16 -2.49
N CYS A 19 3.19 0.99 -1.97
CA CYS A 19 2.39 2.20 -2.07
C CYS A 19 2.22 2.62 -3.53
N ARG A 20 1.27 1.97 -4.20
CA ARG A 20 0.99 2.28 -5.59
C ARG A 20 0.11 3.52 -5.66
N ASP A 21 -0.67 3.65 -6.75
CA ASP A 21 -1.56 4.80 -6.94
C ASP A 21 -2.20 5.28 -5.64
N GLY A 22 -1.39 5.90 -4.78
CA GLY A 22 -1.88 6.39 -3.51
C GLY A 22 -2.50 5.30 -2.65
N CYS A 23 -2.16 4.06 -2.93
CA CYS A 23 -2.70 2.94 -2.16
C CYS A 23 -1.64 1.89 -1.87
N CYS A 24 -1.91 1.04 -0.87
CA CYS A 24 -0.99 -0.01 -0.49
C CYS A 24 -1.30 -1.30 -1.23
N ASN A 25 -0.29 -1.85 -1.88
CA ASN A 25 -0.46 -3.08 -2.64
C ASN A 25 0.37 -4.21 -2.05
N VAL A 26 -0.10 -5.44 -2.26
CA VAL A 26 0.60 -6.62 -1.75
C VAL A 26 1.60 -7.15 -2.77
N ILE A 27 1.68 -6.50 -3.93
CA ILE A 27 2.60 -6.89 -4.99
C ILE A 27 3.92 -7.42 -4.44
N GLN A 1 -7.67 -6.90 -3.75
CA GLN A 1 -8.13 -5.63 -4.37
C GLN A 1 -8.59 -4.64 -3.30
N LEU A 2 -7.63 -3.95 -2.68
CA LEU A 2 -7.93 -2.97 -1.65
C LEU A 2 -7.02 -1.76 -1.76
N CYS A 3 -7.55 -0.67 -2.31
CA CYS A 3 -6.78 0.56 -2.47
C CYS A 3 -6.52 1.22 -1.13
N LEU A 4 -5.75 0.55 -0.28
CA LEU A 4 -5.42 1.07 1.04
C LEU A 4 -4.57 2.33 0.93
N GLN A 5 -5.18 3.49 1.12
CA GLN A 5 -4.47 4.77 1.04
C GLN A 5 -3.07 4.65 1.64
N CYS A 6 -2.06 4.84 0.80
CA CYS A 6 -0.68 4.74 1.24
C CYS A 6 -0.07 6.14 1.42
N ARG A 7 1.17 6.18 1.89
CA ARG A 7 1.85 7.45 2.11
C ARG A 7 3.23 7.46 1.49
N SER A 8 4.15 6.71 2.08
CA SER A 8 5.52 6.63 1.59
C SER A 8 5.71 5.44 0.64
N ASN A 9 5.96 4.27 1.21
CA ASN A 9 6.15 3.06 0.42
C ASN A 9 5.34 1.89 0.97
N SER A 10 5.48 1.67 2.27
CA SER A 10 4.77 0.58 2.94
C SER A 10 4.04 1.10 4.17
N ASP A 11 3.41 2.26 4.04
CA ASP A 11 2.68 2.86 5.16
C ASP A 11 1.35 2.15 5.38
N CYS A 12 1.40 0.83 5.55
CA CYS A 12 0.21 0.04 5.77
C CYS A 12 0.49 -1.16 6.69
N ASN A 13 0.80 -2.31 6.10
CA ASN A 13 1.10 -3.51 6.89
C ASN A 13 1.92 -4.51 6.08
N ILE A 14 2.27 -5.63 6.71
CA ILE A 14 3.06 -6.67 6.04
C ILE A 14 2.41 -7.07 4.72
N ILE A 15 1.10 -6.96 4.65
CA ILE A 15 0.36 -7.31 3.44
C ILE A 15 0.69 -6.33 2.33
N TRP A 16 0.23 -5.11 2.49
CA TRP A 16 0.43 -4.08 1.49
C TRP A 16 1.60 -3.16 1.84
N ARG A 17 2.69 -3.30 1.08
CA ARG A 17 3.88 -2.49 1.29
C ARG A 17 4.29 -1.77 0.00
N ILE A 18 3.48 -1.88 -1.04
CA ILE A 18 3.78 -1.23 -2.31
C ILE A 18 2.86 -0.03 -2.49
N CYS A 19 3.26 1.10 -1.95
CA CYS A 19 2.47 2.31 -2.05
C CYS A 19 2.31 2.75 -3.50
N ARG A 20 1.40 2.10 -4.20
CA ARG A 20 1.13 2.44 -5.59
C ARG A 20 0.24 3.67 -5.67
N ASP A 21 -0.50 3.82 -6.76
CA ASP A 21 -1.39 4.97 -6.95
C ASP A 21 -2.07 5.42 -5.66
N GLY A 22 -1.29 6.02 -4.77
CA GLY A 22 -1.82 6.48 -3.50
C GLY A 22 -2.45 5.38 -2.69
N CYS A 23 -2.10 4.14 -2.99
CA CYS A 23 -2.65 2.99 -2.26
C CYS A 23 -1.58 1.96 -1.95
N CYS A 24 -1.88 1.08 -1.00
CA CYS A 24 -0.94 0.04 -0.61
C CYS A 24 -1.23 -1.25 -1.37
N ASN A 25 -0.20 -1.80 -2.03
CA ASN A 25 -0.35 -3.03 -2.78
C ASN A 25 0.46 -4.16 -2.17
N VAL A 26 -0.16 -5.33 -2.05
CA VAL A 26 0.49 -6.51 -1.48
C VAL A 26 1.19 -7.34 -2.56
N ILE A 27 1.72 -6.66 -3.57
CA ILE A 27 2.41 -7.34 -4.66
C ILE A 27 3.84 -7.69 -4.27
#